data_2XWM
#
_entry.id   2XWM
#
_cell.length_a   45.590
_cell.length_b   71.700
_cell.length_c   111.890
_cell.angle_alpha   90.00
_cell.angle_beta   90.00
_cell.angle_gamma   90.00
#
_symmetry.space_group_name_H-M   'P 21 21 21'
#
loop_
_entity.id
_entity.type
_entity.pdbx_description
1 polymer '2-C-METHYL-D-ERYTHRITOL 4-PHOSPHATE CYTIDYLYLTRANSFERASE'
2 non-polymer "CYTIDINE-5'-MONOPHOSPHATE"
3 water water
#
_entity_poly.entity_id   1
_entity_poly.type   'polypeptide(L)'
_entity_poly.pdbx_seq_one_letter_code
;MATVAVVPAAGSGERLRAGRPKAFVTLGGTPLLEHALSGLRASGVIDRIVIAVPPALTDESKLVFGGEDSVIVSGGVDRT
ESVALALEAAGDAEFVLVHDAARALTPPALIARVVAALKEGHSAVVPGLAPADTIKAVDANGAVLGTPERAGLRAVQTPQ
GFHADVLRRAYARATAGGVTDDASLVEQLGTPVQIVDGDPLAFKITTPLDLVLAEAVLAHHHH
;
_entity_poly.pdbx_strand_id   A,B
#
# COMPACT_ATOMS: atom_id res chain seq x y z
N ALA A 2 -4.91 -0.78 -32.70
CA ALA A 2 -4.52 0.56 -32.18
C ALA A 2 -4.98 0.72 -30.75
N THR A 3 -4.22 1.51 -30.00
CA THR A 3 -4.50 1.73 -28.58
C THR A 3 -4.56 3.22 -28.26
N VAL A 4 -5.64 3.62 -27.57
CA VAL A 4 -5.74 4.99 -27.07
C VAL A 4 -5.61 4.97 -25.56
N ALA A 5 -4.83 5.90 -25.02
CA ALA A 5 -4.77 6.08 -23.57
C ALA A 5 -5.57 7.30 -23.15
N VAL A 6 -6.53 7.08 -22.27
CA VAL A 6 -7.27 8.16 -21.64
C VAL A 6 -6.53 8.48 -20.34
N VAL A 7 -6.19 9.75 -20.14
CA VAL A 7 -5.42 10.18 -18.97
C VAL A 7 -6.25 11.19 -18.18
N PRO A 8 -6.88 10.74 -17.09
CA PRO A 8 -7.59 11.68 -16.21
C PRO A 8 -6.54 12.53 -15.50
N ALA A 9 -6.58 13.84 -15.71
CA ALA A 9 -5.59 14.79 -15.18
C ALA A 9 -6.30 16.03 -14.65
N ALA A 10 -7.57 15.87 -14.32
CA ALA A 10 -8.40 17.04 -13.98
C ALA A 10 -8.62 17.19 -12.47
N GLY A 11 -7.87 16.42 -11.69
CA GLY A 11 -7.99 16.41 -10.22
C GLY A 11 -7.33 17.62 -9.58
N SER A 12 -7.71 17.91 -8.34
CA SER A 12 -7.18 19.10 -7.66
C SER A 12 -5.83 18.81 -6.98
N GLY A 13 -5.13 19.86 -6.57
CA GLY A 13 -3.87 19.69 -5.85
C GLY A 13 -4.03 19.84 -4.34
N GLU A 14 -5.28 19.82 -3.88
CA GLU A 14 -5.61 20.00 -2.45
C GLU A 14 -4.84 19.12 -1.46
N ARG A 15 -4.85 17.80 -1.69
CA ARG A 15 -4.16 16.87 -0.79
C ARG A 15 -2.64 17.12 -0.70
N LEU A 16 -2.05 17.60 -1.80
CA LEU A 16 -0.64 17.99 -1.82
C LEU A 16 -0.40 19.40 -1.30
N ARG A 17 -1.49 20.16 -1.16
CA ARG A 17 -1.38 21.57 -0.76
C ARG A 17 -0.53 22.37 -1.77
N ALA A 18 -0.68 22.04 -3.05
CA ALA A 18 0.15 22.62 -4.10
C ALA A 18 -0.38 23.95 -4.63
N GLY A 19 -1.66 24.24 -4.36
CA GLY A 19 -2.31 25.43 -4.93
C GLY A 19 -2.39 25.44 -6.44
N ARG A 20 -2.42 24.24 -7.03
CA ARG A 20 -2.54 24.08 -8.48
C ARG A 20 -3.02 22.64 -8.68
N PRO A 21 -3.59 22.32 -9.86
CA PRO A 21 -4.00 20.93 -10.08
C PRO A 21 -2.78 20.02 -10.01
N LYS A 22 -2.96 18.82 -9.46
CA LYS A 22 -1.84 17.92 -9.20
C LYS A 22 -1.06 17.53 -10.46
N ALA A 23 -1.75 17.46 -11.60
CA ALA A 23 -1.11 17.15 -12.88
C ALA A 23 0.03 18.12 -13.22
N PHE A 24 -0.04 19.33 -12.66
CA PHE A 24 0.90 20.40 -12.98
C PHE A 24 1.91 20.71 -11.87
N VAL A 25 1.89 19.89 -10.83
CA VAL A 25 2.98 19.80 -9.84
C VAL A 25 4.20 19.17 -10.52
N THR A 26 5.39 19.67 -10.22
CA THR A 26 6.58 19.18 -10.90
C THR A 26 7.34 18.12 -10.09
N LEU A 27 8.05 17.27 -10.82
CA LEU A 27 8.84 16.22 -10.25
C LEU A 27 10.16 16.31 -10.97
N GLY A 28 11.20 16.65 -10.23
CA GLY A 28 12.49 17.00 -10.82
C GLY A 28 12.39 18.05 -11.91
N GLY A 29 11.46 18.99 -11.75
CA GLY A 29 11.31 20.10 -12.68
C GLY A 29 10.35 19.89 -13.85
N THR A 30 9.77 18.70 -13.93
CA THR A 30 8.86 18.33 -15.03
C THR A 30 7.48 18.03 -14.44
N PRO A 31 6.41 18.63 -15.01
CA PRO A 31 5.06 18.40 -14.47
C PRO A 31 4.70 16.90 -14.44
N LEU A 32 3.93 16.48 -13.45
CA LEU A 32 3.55 15.05 -13.32
C LEU A 32 2.92 14.53 -14.59
N LEU A 33 2.05 15.35 -15.19
CA LEU A 33 1.39 14.97 -16.43
C LEU A 33 2.41 14.66 -17.52
N GLU A 34 3.47 15.48 -17.59
CA GLU A 34 4.51 15.25 -18.60
C GLU A 34 5.27 13.96 -18.37
N HIS A 35 5.51 13.61 -17.10
CA HIS A 35 6.11 12.31 -16.75
C HIS A 35 5.20 11.17 -17.22
N ALA A 36 3.91 11.29 -16.93
CA ALA A 36 2.95 10.27 -17.32
C ALA A 36 2.88 10.12 -18.85
N LEU A 37 2.90 11.24 -19.57
CA LEU A 37 2.86 11.18 -21.03
C LEU A 37 4.15 10.59 -21.60
N SER A 38 5.28 10.93 -20.98
CA SER A 38 6.57 10.39 -21.39
C SER A 38 6.62 8.88 -21.25
N GLY A 39 6.05 8.34 -20.17
CA GLY A 39 5.95 6.88 -19.99
C GLY A 39 5.13 6.21 -21.09
N LEU A 40 3.97 6.80 -21.39
CA LEU A 40 3.11 6.31 -22.45
C LEU A 40 3.83 6.35 -23.82
N ARG A 41 4.50 7.45 -24.12
CA ARG A 41 5.27 7.58 -25.37
C ARG A 41 6.38 6.52 -25.45
N ALA A 42 7.11 6.35 -24.35
CA ALA A 42 8.24 5.42 -24.26
C ALA A 42 7.87 3.94 -24.41
N SER A 43 6.63 3.60 -24.01
CA SER A 43 6.16 2.23 -24.12
C SER A 43 6.12 1.76 -25.56
N GLY A 44 5.91 2.70 -26.49
CA GLY A 44 5.87 2.42 -27.92
C GLY A 44 4.63 1.69 -28.37
N VAL A 45 3.61 1.64 -27.51
CA VAL A 45 2.39 0.88 -27.83
C VAL A 45 1.12 1.76 -27.82
N ILE A 46 1.31 3.06 -27.66
CA ILE A 46 0.17 3.98 -27.55
C ILE A 46 0.07 4.84 -28.82
N ASP A 47 -1.08 4.78 -29.48
CA ASP A 47 -1.25 5.46 -30.76
C ASP A 47 -1.86 6.85 -30.62
N ARG A 48 -2.55 7.10 -29.51
CA ARG A 48 -3.33 8.30 -29.35
C ARG A 48 -3.50 8.51 -27.85
N ILE A 49 -3.47 9.77 -27.41
CA ILE A 49 -3.76 10.09 -26.01
C ILE A 49 -4.92 11.12 -25.95
N VAL A 50 -5.79 10.94 -24.96
CA VAL A 50 -6.84 11.89 -24.65
C VAL A 50 -6.63 12.29 -23.19
N ILE A 51 -6.38 13.58 -22.95
CA ILE A 51 -6.18 14.07 -21.60
C ILE A 51 -7.36 14.89 -21.14
N ALA A 52 -7.91 14.54 -19.97
CA ALA A 52 -8.93 15.37 -19.33
C ALA A 52 -8.23 16.31 -18.36
N VAL A 53 -8.49 17.61 -18.51
CA VAL A 53 -7.83 18.61 -17.67
C VAL A 53 -8.89 19.45 -16.95
N PRO A 54 -8.49 20.20 -15.91
CA PRO A 54 -9.49 21.05 -15.25
C PRO A 54 -10.10 21.98 -16.32
N PRO A 55 -11.44 22.15 -16.33
CA PRO A 55 -12.11 22.86 -17.44
C PRO A 55 -11.57 24.25 -17.74
N ALA A 56 -11.19 25.01 -16.71
CA ALA A 56 -10.61 26.35 -16.93
C ALA A 56 -9.31 26.35 -17.74
N LEU A 57 -8.58 25.23 -17.74
CA LEU A 57 -7.28 25.13 -18.40
C LEU A 57 -7.34 24.46 -19.77
N THR A 58 -8.54 24.20 -20.27
CA THR A 58 -8.69 23.41 -21.51
C THR A 58 -8.05 24.12 -22.69
N ASP A 59 -8.36 25.40 -22.84
CA ASP A 59 -7.83 26.21 -23.95
C ASP A 59 -6.31 26.34 -23.91
N GLU A 60 -5.78 26.64 -22.72
CA GLU A 60 -4.34 26.71 -22.53
C GLU A 60 -3.66 25.36 -22.78
N SER A 61 -4.27 24.29 -22.28
CA SER A 61 -3.74 22.94 -22.48
C SER A 61 -3.68 22.57 -23.96
N LYS A 62 -4.69 22.99 -24.72
CA LYS A 62 -4.74 22.72 -26.16
C LYS A 62 -3.56 23.38 -26.89
N LEU A 63 -3.27 24.63 -26.51
CA LEU A 63 -2.12 25.38 -27.03
C LEU A 63 -0.79 24.68 -26.80
N VAL A 64 -0.64 24.03 -25.64
CA VAL A 64 0.60 23.35 -25.29
C VAL A 64 0.68 21.90 -25.80
N PHE A 65 -0.38 21.12 -25.57
CA PHE A 65 -0.33 19.66 -25.83
C PHE A 65 -1.14 19.20 -27.05
N GLY A 66 -1.99 20.07 -27.57
CA GLY A 66 -2.96 19.66 -28.59
C GLY A 66 -2.39 19.45 -29.98
N GLY A 67 -2.85 18.38 -30.61
CA GLY A 67 -2.50 18.11 -32.00
C GLY A 67 -3.11 16.78 -32.40
N GLU A 68 -2.77 16.32 -33.60
CA GLU A 68 -3.24 15.02 -34.10
C GLU A 68 -2.94 13.94 -33.06
N ASP A 69 -3.99 13.18 -32.70
CA ASP A 69 -3.88 12.10 -31.70
C ASP A 69 -3.31 12.51 -30.33
N SER A 70 -3.39 13.81 -30.03
CA SER A 70 -3.10 14.31 -28.71
C SER A 70 -4.23 15.28 -28.32
N VAL A 71 -5.27 14.73 -27.70
CA VAL A 71 -6.56 15.41 -27.57
C VAL A 71 -6.77 15.88 -26.14
N ILE A 72 -7.21 17.12 -26.00
CA ILE A 72 -7.53 17.67 -24.69
C ILE A 72 -9.03 17.79 -24.59
N VAL A 73 -9.60 17.32 -23.49
CA VAL A 73 -11.00 17.58 -23.17
C VAL A 73 -11.11 18.22 -21.81
N SER A 74 -12.17 19.02 -21.62
CA SER A 74 -12.51 19.52 -20.29
C SER A 74 -12.92 18.33 -19.44
N GLY A 75 -12.36 18.24 -18.24
CA GLY A 75 -12.71 17.16 -17.32
C GLY A 75 -14.00 17.44 -16.58
N GLY A 76 -14.29 16.58 -15.61
CA GLY A 76 -15.58 16.60 -14.93
C GLY A 76 -15.43 16.80 -13.44
N VAL A 77 -16.57 16.70 -12.76
CA VAL A 77 -16.64 16.97 -11.33
C VAL A 77 -15.87 15.95 -10.50
N ASP A 78 -15.79 14.72 -11.00
CA ASP A 78 -14.95 13.69 -10.39
C ASP A 78 -14.28 12.87 -11.49
N ARG A 79 -13.50 11.86 -11.09
CA ARG A 79 -12.72 11.08 -12.06
C ARG A 79 -13.65 10.35 -13.04
N THR A 80 -14.80 9.87 -12.53
CA THR A 80 -15.76 9.16 -13.36
C THR A 80 -16.24 10.01 -14.51
N GLU A 81 -16.66 11.26 -14.20
CA GLU A 81 -17.08 12.18 -15.25
C GLU A 81 -15.91 12.54 -16.18
N SER A 82 -14.72 12.74 -15.63
CA SER A 82 -13.53 13.02 -16.48
C SER A 82 -13.27 11.91 -17.49
N VAL A 83 -13.33 10.67 -17.04
CA VAL A 83 -13.15 9.53 -17.94
C VAL A 83 -14.24 9.44 -18.99
N ALA A 84 -15.49 9.58 -18.57
CA ALA A 84 -16.65 9.52 -19.47
C ALA A 84 -16.53 10.59 -20.55
N LEU A 85 -16.11 11.80 -20.17
CA LEU A 85 -15.92 12.88 -21.16
C LEU A 85 -14.82 12.54 -22.15
N ALA A 86 -13.70 12.06 -21.63
CA ALA A 86 -12.57 11.70 -22.50
C ALA A 86 -12.92 10.55 -23.43
N LEU A 87 -13.79 9.64 -22.98
CA LEU A 87 -14.16 8.51 -23.84
C LEU A 87 -14.82 8.93 -25.15
N GLU A 88 -15.50 10.06 -25.12
CA GLU A 88 -16.14 10.63 -26.30
C GLU A 88 -15.11 10.90 -27.39
N ALA A 89 -13.85 11.09 -26.99
CA ALA A 89 -12.77 11.39 -27.90
C ALA A 89 -11.83 10.20 -28.12
N ALA A 90 -12.20 9.03 -27.62
CA ALA A 90 -11.34 7.85 -27.74
C ALA A 90 -11.11 7.48 -29.20
N GLY A 91 -12.15 7.60 -30.01
CA GLY A 91 -12.02 7.40 -31.46
C GLY A 91 -12.14 5.93 -31.79
N ASP A 92 -11.41 5.52 -32.82
CA ASP A 92 -11.57 4.20 -33.41
C ASP A 92 -10.74 3.08 -32.78
N ALA A 93 -9.95 3.39 -31.74
CA ALA A 93 -8.96 2.39 -31.28
C ALA A 93 -9.65 1.15 -30.72
N GLU A 94 -9.11 -0.02 -31.02
CA GLU A 94 -9.72 -1.24 -30.50
C GLU A 94 -9.48 -1.41 -28.99
N PHE A 95 -8.41 -0.82 -28.47
CA PHE A 95 -8.08 -0.92 -27.05
C PHE A 95 -8.03 0.46 -26.43
N VAL A 96 -8.56 0.58 -25.21
CA VAL A 96 -8.48 1.81 -24.45
C VAL A 96 -7.82 1.53 -23.10
N LEU A 97 -6.80 2.31 -22.77
CA LEU A 97 -6.16 2.29 -21.46
C LEU A 97 -6.59 3.55 -20.72
N VAL A 98 -6.88 3.43 -19.42
CA VAL A 98 -7.19 4.60 -18.59
C VAL A 98 -6.07 4.65 -17.57
N HIS A 99 -5.33 5.75 -17.59
CA HIS A 99 -4.08 5.85 -16.84
C HIS A 99 -4.05 7.14 -16.08
N ASP A 100 -3.98 7.05 -14.74
CA ASP A 100 -3.86 8.25 -13.90
C ASP A 100 -2.60 9.03 -14.20
N ALA A 101 -2.75 10.34 -14.43
CA ALA A 101 -1.59 11.21 -14.52
C ALA A 101 -0.75 11.13 -13.23
N ALA A 102 -1.43 10.92 -12.10
CA ALA A 102 -0.79 10.86 -10.78
C ALA A 102 0.17 9.68 -10.58
N ARG A 103 0.05 8.63 -11.40
CA ARG A 103 1.01 7.51 -11.37
C ARG A 103 2.16 7.84 -12.35
N ALA A 104 2.84 8.92 -12.03
CA ALA A 104 3.81 9.57 -12.94
C ALA A 104 5.03 8.72 -13.30
N LEU A 105 5.47 7.88 -12.38
CA LEU A 105 6.68 7.09 -12.56
C LEU A 105 6.42 5.70 -13.13
N THR A 106 5.17 5.43 -13.52
CA THR A 106 4.81 4.13 -14.13
C THR A 106 5.81 3.73 -15.22
N PRO A 107 6.43 2.55 -15.09
CA PRO A 107 7.40 2.16 -16.11
C PRO A 107 6.74 1.87 -17.46
N PRO A 108 7.42 2.27 -18.56
CA PRO A 108 6.93 1.93 -19.90
C PRO A 108 6.66 0.43 -20.04
N ALA A 109 7.46 -0.40 -19.37
CA ALA A 109 7.29 -1.86 -19.46
C ALA A 109 5.90 -2.31 -18.99
N LEU A 110 5.39 -1.69 -17.93
CA LEU A 110 4.07 -2.06 -17.42
C LEU A 110 2.97 -1.72 -18.42
N ILE A 111 3.07 -0.54 -19.01
CA ILE A 111 2.09 -0.13 -20.04
C ILE A 111 2.08 -1.15 -21.18
N ALA A 112 3.27 -1.58 -21.62
CA ALA A 112 3.40 -2.59 -22.66
C ALA A 112 2.81 -3.95 -22.26
N ARG A 113 3.00 -4.34 -20.99
CA ARG A 113 2.43 -5.58 -20.43
C ARG A 113 0.90 -5.57 -20.48
N VAL A 114 0.30 -4.44 -20.13
CA VAL A 114 -1.16 -4.30 -20.15
C VAL A 114 -1.73 -4.38 -21.59
N VAL A 115 -1.13 -3.63 -22.51
CA VAL A 115 -1.54 -3.70 -23.93
C VAL A 115 -1.38 -5.14 -24.48
N ALA A 116 -0.25 -5.77 -24.17
CA ALA A 116 -0.01 -7.15 -24.62
C ALA A 116 -1.12 -8.11 -24.23
N ALA A 117 -1.59 -8.01 -22.98
CA ALA A 117 -2.62 -8.91 -22.45
C ALA A 117 -3.96 -8.67 -23.14
N LEU A 118 -4.26 -7.42 -23.47
CA LEU A 118 -5.43 -7.13 -24.32
C LEU A 118 -5.32 -7.78 -25.71
N LYS A 119 -4.16 -7.58 -26.35
CA LYS A 119 -3.91 -8.10 -27.68
C LYS A 119 -3.99 -9.63 -27.68
N GLU A 120 -3.53 -10.24 -26.59
CA GLU A 120 -3.61 -11.69 -26.38
C GLU A 120 -5.06 -12.21 -26.41
N GLY A 121 -6.00 -11.35 -26.04
CA GLY A 121 -7.41 -11.71 -26.15
C GLY A 121 -8.25 -11.38 -24.93
N HIS A 122 -7.61 -10.93 -23.85
CA HIS A 122 -8.37 -10.52 -22.65
C HIS A 122 -9.14 -9.25 -22.94
N SER A 123 -10.36 -9.16 -22.42
CA SER A 123 -11.24 -8.00 -22.64
C SER A 123 -10.98 -6.86 -21.65
N ALA A 124 -10.40 -7.19 -20.50
CA ALA A 124 -10.18 -6.21 -19.43
C ALA A 124 -8.99 -6.70 -18.61
N VAL A 125 -8.03 -5.81 -18.40
CA VAL A 125 -6.71 -6.16 -17.85
C VAL A 125 -6.34 -5.07 -16.87
N VAL A 126 -5.97 -5.49 -15.65
N VAL A 126 -6.04 -5.46 -15.62
CA VAL A 126 -5.57 -4.57 -14.60
CA VAL A 126 -5.54 -4.49 -14.66
C VAL A 126 -4.22 -4.97 -14.00
C VAL A 126 -4.23 -4.94 -14.04
N PRO A 127 -3.27 -4.01 -13.87
CA PRO A 127 -2.03 -4.35 -13.20
C PRO A 127 -2.24 -4.38 -11.69
N GLY A 128 -1.62 -5.35 -11.03
CA GLY A 128 -1.77 -5.49 -9.59
C GLY A 128 -0.60 -6.15 -8.92
N LEU A 129 -0.44 -5.86 -7.63
CA LEU A 129 0.60 -6.49 -6.82
C LEU A 129 -0.04 -6.95 -5.53
N ALA A 130 0.51 -7.99 -4.91
CA ALA A 130 0.06 -8.37 -3.58
C ALA A 130 0.23 -7.15 -2.66
N PRO A 131 -0.77 -6.85 -1.81
CA PRO A 131 -0.69 -5.67 -0.92
C PRO A 131 0.54 -5.79 -0.02
N ALA A 132 1.19 -4.66 0.23
CA ALA A 132 2.37 -4.64 1.08
C ALA A 132 1.98 -4.94 2.52
N ASP A 133 0.81 -4.44 2.93
CA ASP A 133 0.26 -4.73 4.25
C ASP A 133 -0.86 -5.77 4.20
N THR A 134 -1.08 -6.42 5.32
CA THR A 134 -2.31 -7.19 5.49
C THR A 134 -3.51 -6.27 5.33
N ILE A 135 -4.53 -6.75 4.63
CA ILE A 135 -5.77 -5.99 4.41
C ILE A 135 -6.87 -6.61 5.24
N LYS A 136 -7.59 -5.77 5.98
CA LYS A 136 -8.75 -6.20 6.74
C LYS A 136 -9.99 -5.49 6.26
N ALA A 137 -11.10 -6.22 6.16
CA ALA A 137 -12.40 -5.62 5.93
C ALA A 137 -12.89 -5.11 7.27
N VAL A 138 -13.48 -3.91 7.28
CA VAL A 138 -13.97 -3.33 8.53
C VAL A 138 -15.37 -2.76 8.36
N ASP A 139 -16.09 -2.65 9.46
CA ASP A 139 -17.40 -2.03 9.38
C ASP A 139 -17.28 -0.53 9.59
N ALA A 140 -18.42 0.17 9.58
CA ALA A 140 -18.44 1.63 9.68
C ALA A 140 -17.80 2.18 10.95
N ASN A 141 -17.79 1.38 12.02
CA ASN A 141 -17.25 1.79 13.30
C ASN A 141 -15.80 1.35 13.52
N GLY A 142 -15.20 0.74 12.51
CA GLY A 142 -13.82 0.28 12.58
C GLY A 142 -13.61 -1.08 13.22
N ALA A 143 -14.69 -1.85 13.40
CA ALA A 143 -14.59 -3.23 13.89
C ALA A 143 -14.23 -4.12 12.73
N VAL A 144 -13.27 -5.02 12.96
CA VAL A 144 -12.80 -5.92 11.90
C VAL A 144 -13.88 -6.95 11.55
N LEU A 145 -14.14 -7.11 10.25
CA LEU A 145 -15.05 -8.14 9.74
C LEU A 145 -14.32 -9.39 9.26
N GLY A 146 -13.10 -9.23 8.77
CA GLY A 146 -12.34 -10.38 8.32
C GLY A 146 -11.00 -9.98 7.78
N THR A 147 -10.14 -10.98 7.58
CA THR A 147 -8.80 -10.75 7.05
C THR A 147 -8.57 -11.75 5.92
N PRO A 148 -8.96 -11.36 4.69
CA PRO A 148 -8.77 -12.29 3.56
C PRO A 148 -7.29 -12.58 3.38
N GLU A 149 -6.96 -13.79 2.98
CA GLU A 149 -5.58 -14.16 2.67
C GLU A 149 -4.94 -13.14 1.74
N ARG A 150 -3.80 -12.60 2.16
CA ARG A 150 -3.10 -11.56 1.40
C ARG A 150 -2.77 -12.06 -0.02
N ALA A 151 -2.49 -13.36 -0.15
CA ALA A 151 -2.19 -13.97 -1.45
C ALA A 151 -3.32 -13.91 -2.47
N GLY A 152 -4.55 -13.85 -1.97
CA GLY A 152 -5.73 -13.78 -2.82
C GLY A 152 -6.20 -12.35 -3.06
N LEU A 153 -5.37 -11.38 -2.72
CA LEU A 153 -5.69 -9.97 -2.98
C LEU A 153 -4.66 -9.33 -3.89
N ARG A 154 -5.10 -8.31 -4.63
CA ARG A 154 -4.21 -7.46 -5.37
C ARG A 154 -4.52 -5.99 -5.12
N ALA A 155 -3.46 -5.24 -4.86
CA ALA A 155 -3.55 -3.77 -4.88
C ALA A 155 -3.34 -3.36 -6.33
N VAL A 156 -4.36 -2.76 -6.93
CA VAL A 156 -4.30 -2.53 -8.36
C VAL A 156 -3.86 -1.11 -8.71
N GLN A 157 -3.33 -0.98 -9.92
CA GLN A 157 -2.75 0.24 -10.38
C GLN A 157 -3.35 0.61 -11.74
N THR A 158 -2.69 1.50 -12.47
CA THR A 158 -3.08 1.83 -13.84
C THR A 158 -1.78 1.86 -14.65
N PRO A 159 -1.86 1.76 -15.99
CA PRO A 159 -3.08 1.79 -16.78
C PRO A 159 -3.93 0.53 -16.63
N GLN A 160 -5.26 0.73 -16.57
CA GLN A 160 -6.19 -0.39 -16.73
C GLN A 160 -6.60 -0.43 -18.21
N GLY A 161 -6.56 -1.62 -18.81
CA GLY A 161 -6.74 -1.75 -20.25
C GLY A 161 -8.02 -2.51 -20.60
N PHE A 162 -8.70 -2.07 -21.66
CA PHE A 162 -9.99 -2.68 -22.04
C PHE A 162 -10.18 -2.72 -23.53
N HIS A 163 -10.89 -3.74 -24.01
CA HIS A 163 -11.45 -3.65 -25.36
C HIS A 163 -12.38 -2.43 -25.33
N ALA A 164 -12.30 -1.59 -26.35
CA ALA A 164 -13.02 -0.31 -26.33
C ALA A 164 -14.54 -0.45 -26.13
N ASP A 165 -15.13 -1.45 -26.78
CA ASP A 165 -16.58 -1.67 -26.66
C ASP A 165 -16.97 -1.99 -25.21
N VAL A 166 -16.13 -2.77 -24.54
CA VAL A 166 -16.40 -3.18 -23.15
C VAL A 166 -16.40 -1.97 -22.22
N LEU A 167 -15.38 -1.11 -22.36
CA LEU A 167 -15.30 0.10 -21.53
C LEU A 167 -16.45 1.05 -21.80
N ARG A 168 -16.80 1.25 -23.07
CA ARG A 168 -17.93 2.15 -23.35
C ARG A 168 -19.21 1.64 -22.72
N ARG A 169 -19.48 0.34 -22.86
CA ARG A 169 -20.69 -0.25 -22.31
C ARG A 169 -20.69 -0.15 -20.78
N ALA A 170 -19.53 -0.32 -20.16
CA ALA A 170 -19.42 -0.17 -18.70
C ALA A 170 -19.72 1.26 -18.27
N TYR A 171 -19.19 2.24 -19.01
CA TYR A 171 -19.42 3.63 -18.65
C TYR A 171 -20.85 4.11 -18.93
N ALA A 172 -21.47 3.54 -19.96
CA ALA A 172 -22.87 3.83 -20.29
C ALA A 172 -23.80 3.46 -19.14
N ARG A 173 -23.43 2.42 -18.40
CA ARG A 173 -24.26 1.89 -17.32
C ARG A 173 -24.02 2.54 -15.97
N ALA A 174 -23.00 3.39 -15.87
CA ALA A 174 -22.69 4.07 -14.61
C ALA A 174 -23.79 5.08 -14.30
N THR A 175 -24.28 5.06 -13.06
CA THR A 175 -25.41 5.92 -12.69
C THR A 175 -24.99 7.12 -11.84
N ALA A 176 -23.82 7.00 -11.22
CA ALA A 176 -23.27 8.07 -10.38
C ALA A 176 -21.75 8.12 -10.52
N GLY A 177 -21.16 9.23 -10.05
CA GLY A 177 -19.71 9.32 -9.97
C GLY A 177 -19.19 8.63 -8.73
N GLY A 178 -17.97 8.99 -8.32
CA GLY A 178 -17.36 8.44 -7.11
C GLY A 178 -16.61 7.14 -7.33
N VAL A 179 -16.55 6.72 -8.58
CA VAL A 179 -15.78 5.53 -8.98
C VAL A 179 -14.38 5.98 -9.41
N THR A 180 -13.37 5.37 -8.82
CA THR A 180 -11.98 5.70 -9.16
C THR A 180 -11.32 4.53 -9.86
N ASP A 181 -12.03 3.39 -9.88
CA ASP A 181 -11.50 2.17 -10.48
C ASP A 181 -12.35 1.76 -11.69
N ASP A 182 -11.79 1.91 -12.89
CA ASP A 182 -12.60 1.66 -14.10
C ASP A 182 -13.03 0.20 -14.18
N ALA A 183 -12.15 -0.69 -13.77
CA ALA A 183 -12.43 -2.12 -13.85
C ALA A 183 -13.69 -2.48 -13.06
N SER A 184 -13.92 -1.80 -11.93
CA SER A 184 -15.13 -2.02 -11.12
C SER A 184 -16.42 -1.87 -11.94
N LEU A 185 -16.45 -0.90 -12.86
CA LEU A 185 -17.62 -0.71 -13.73
C LEU A 185 -17.77 -1.86 -14.72
N VAL A 186 -16.64 -2.33 -15.26
CA VAL A 186 -16.61 -3.48 -16.17
C VAL A 186 -17.05 -4.75 -15.44
N GLU A 187 -16.66 -4.87 -14.17
CA GLU A 187 -17.04 -6.03 -13.37
C GLU A 187 -18.56 -6.13 -13.20
N GLN A 188 -19.22 -4.98 -13.21
CA GLN A 188 -20.67 -4.90 -13.10
C GLN A 188 -21.39 -5.38 -14.36
N LEU A 189 -20.69 -5.44 -15.49
CA LEU A 189 -21.20 -6.09 -16.70
C LEU A 189 -21.11 -7.61 -16.61
N GLY A 190 -20.24 -8.12 -15.73
CA GLY A 190 -19.97 -9.56 -15.61
C GLY A 190 -18.77 -10.00 -16.44
N THR A 191 -18.20 -9.05 -17.18
CA THR A 191 -17.00 -9.32 -17.99
C THR A 191 -15.84 -9.73 -17.11
N PRO A 192 -15.13 -10.82 -17.49
CA PRO A 192 -13.94 -11.24 -16.75
C PRO A 192 -12.86 -10.16 -16.79
N VAL A 193 -12.16 -9.97 -15.68
CA VAL A 193 -11.05 -9.04 -15.61
C VAL A 193 -9.82 -9.82 -15.19
N GLN A 194 -8.75 -9.67 -15.96
CA GLN A 194 -7.51 -10.41 -15.71
C GLN A 194 -6.49 -9.50 -15.04
N ILE A 195 -5.80 -10.00 -14.03
CA ILE A 195 -4.70 -9.28 -13.39
C ILE A 195 -3.39 -9.64 -14.08
N VAL A 196 -2.55 -8.64 -14.34
CA VAL A 196 -1.17 -8.86 -14.77
C VAL A 196 -0.28 -8.21 -13.72
N ASP A 197 1.00 -8.59 -13.69
CA ASP A 197 1.96 -8.01 -12.76
C ASP A 197 1.96 -6.50 -12.83
N GLY A 198 1.88 -5.87 -11.67
CA GLY A 198 2.06 -4.44 -11.57
C GLY A 198 3.52 -4.12 -11.42
N ASP A 199 3.80 -2.94 -10.89
CA ASP A 199 5.18 -2.51 -10.67
C ASP A 199 5.19 -1.50 -9.51
N PRO A 200 6.09 -1.70 -8.52
CA PRO A 200 6.14 -0.77 -7.39
C PRO A 200 6.25 0.72 -7.80
N LEU A 201 6.87 0.99 -8.94
CA LEU A 201 7.03 2.37 -9.44
C LEU A 201 5.75 3.02 -10.01
N ALA A 202 4.69 2.24 -10.17
CA ALA A 202 3.41 2.78 -10.64
C ALA A 202 2.52 3.24 -9.47
N PHE A 203 3.15 3.53 -8.31
CA PHE A 203 2.39 4.06 -7.16
C PHE A 203 1.74 5.40 -7.52
N LYS A 204 0.60 5.69 -6.90
CA LYS A 204 -0.07 6.96 -7.18
C LYS A 204 0.48 8.05 -6.26
N ILE A 205 0.87 9.18 -6.85
CA ILE A 205 1.32 10.33 -6.05
C ILE A 205 0.08 11.02 -5.53
N THR A 206 -0.20 10.80 -4.25
CA THR A 206 -1.45 11.23 -3.63
C THR A 206 -1.16 12.19 -2.47
N THR A 207 -0.21 11.80 -1.62
CA THR A 207 0.18 12.59 -0.44
C THR A 207 1.55 13.28 -0.62
N PRO A 208 1.84 14.30 0.23
CA PRO A 208 3.19 14.85 0.29
C PRO A 208 4.30 13.78 0.44
N LEU A 209 4.05 12.75 1.25
CA LEU A 209 5.01 11.64 1.42
C LEU A 209 5.24 10.88 0.12
N ASP A 210 4.18 10.73 -0.69
CA ASP A 210 4.32 10.11 -2.01
C ASP A 210 5.22 10.97 -2.89
N LEU A 211 5.10 12.29 -2.74
CA LEU A 211 5.89 13.21 -3.54
C LEU A 211 7.36 13.15 -3.14
N VAL A 212 7.61 13.00 -1.84
CA VAL A 212 8.96 12.75 -1.32
C VAL A 212 9.54 11.49 -1.96
N LEU A 213 8.75 10.42 -2.00
CA LEU A 213 9.16 9.17 -2.62
C LEU A 213 9.51 9.38 -4.11
N ALA A 214 8.60 10.01 -4.85
CA ALA A 214 8.84 10.21 -6.28
C ALA A 214 10.14 11.00 -6.50
N GLU A 215 10.34 12.05 -5.71
CA GLU A 215 11.57 12.84 -5.82
C GLU A 215 12.82 11.99 -5.53
N ALA A 216 12.75 11.21 -4.46
CA ALA A 216 13.86 10.35 -4.06
C ALA A 216 14.21 9.31 -5.13
N VAL A 217 13.18 8.75 -5.78
CA VAL A 217 13.35 7.85 -6.91
C VAL A 217 14.10 8.53 -8.07
N LEU A 218 13.64 9.72 -8.45
CA LEU A 218 14.30 10.49 -9.50
C LEU A 218 15.73 10.89 -9.14
N ALA A 219 15.93 11.31 -7.89
CA ALA A 219 17.28 11.66 -7.39
C ALA A 219 18.31 10.55 -7.61
N HIS A 220 17.86 9.29 -7.53
CA HIS A 220 18.70 8.13 -7.82
C HIS A 220 19.15 8.03 -9.28
N HIS A 221 18.43 8.70 -10.18
CA HIS A 221 18.72 8.64 -11.61
C HIS A 221 18.92 10.04 -12.21
N ALA B 2 0.81 -3.67 33.49
CA ALA B 2 2.01 -3.39 32.67
C ALA B 2 1.74 -3.67 31.19
N THR B 3 2.43 -2.94 30.32
CA THR B 3 2.31 -3.14 28.88
C THR B 3 3.66 -3.62 28.35
N VAL B 4 3.67 -4.79 27.74
CA VAL B 4 4.89 -5.31 27.15
C VAL B 4 4.78 -5.30 25.61
N ALA B 5 5.86 -4.88 24.96
CA ALA B 5 5.97 -4.98 23.50
C ALA B 5 6.84 -6.18 23.16
N VAL B 6 6.35 -7.02 22.25
CA VAL B 6 7.10 -8.16 21.74
C VAL B 6 7.56 -7.85 20.31
N VAL B 7 8.85 -8.05 20.04
CA VAL B 7 9.44 -7.76 18.72
C VAL B 7 10.11 -9.00 18.13
N PRO B 8 9.42 -9.69 17.19
CA PRO B 8 10.02 -10.86 16.55
C PRO B 8 11.01 -10.46 15.45
N ALA B 9 12.30 -10.63 15.75
CA ALA B 9 13.38 -10.21 14.85
C ALA B 9 14.38 -11.36 14.69
N ALA B 10 13.85 -12.58 14.54
CA ALA B 10 14.68 -13.77 14.71
C ALA B 10 15.03 -14.55 13.43
N GLY B 11 14.58 -14.05 12.29
CA GLY B 11 14.95 -14.69 11.03
C GLY B 11 14.17 -14.18 9.84
N SER B 12 14.15 -15.00 8.78
CA SER B 12 13.47 -14.66 7.53
C SER B 12 13.12 -15.93 6.76
N GLY B 13 11.91 -15.95 6.20
CA GLY B 13 11.46 -17.03 5.33
C GLY B 13 11.91 -16.85 3.89
N GLU B 14 12.46 -15.68 3.60
CA GLU B 14 12.95 -15.36 2.26
C GLU B 14 14.41 -15.80 2.13
N ARG B 15 14.65 -16.78 1.25
CA ARG B 15 15.99 -17.36 1.10
C ARG B 15 17.06 -16.34 0.73
N LEU B 16 16.67 -15.32 -0.04
CA LEU B 16 17.58 -14.24 -0.45
C LEU B 16 18.31 -13.63 0.75
N ARG B 17 17.62 -13.56 1.90
CA ARG B 17 18.14 -12.88 3.08
C ARG B 17 19.08 -13.72 3.95
N ALA B 18 19.16 -15.01 3.66
CA ALA B 18 20.07 -15.95 4.34
C ALA B 18 19.95 -15.92 5.88
N GLY B 19 18.72 -16.00 6.37
CA GLY B 19 18.45 -16.02 7.80
C GLY B 19 18.58 -14.68 8.52
N ARG B 20 19.16 -13.68 7.85
CA ARG B 20 19.29 -12.34 8.42
C ARG B 20 17.92 -11.63 8.46
N PRO B 21 17.46 -11.25 9.66
CA PRO B 21 16.16 -10.61 9.76
C PRO B 21 16.14 -9.27 9.01
N LYS B 22 14.98 -8.93 8.46
CA LYS B 22 14.78 -7.61 7.86
C LYS B 22 15.06 -6.52 8.88
N ALA B 23 14.90 -6.87 10.16
CA ALA B 23 15.09 -5.93 11.28
C ALA B 23 16.53 -5.44 11.44
N PHE B 24 17.48 -6.19 10.87
CA PHE B 24 18.90 -5.87 11.04
C PHE B 24 19.49 -5.06 9.88
N VAL B 25 18.68 -4.80 8.84
CA VAL B 25 19.08 -3.92 7.74
C VAL B 25 19.36 -2.50 8.30
N THR B 26 20.46 -1.87 7.86
CA THR B 26 20.80 -0.53 8.36
C THR B 26 20.07 0.60 7.64
N LEU B 27 19.68 1.61 8.40
CA LEU B 27 19.01 2.81 7.90
C LEU B 27 19.68 4.00 8.57
N GLY B 28 20.28 4.85 7.74
CA GLY B 28 21.11 5.95 8.25
C GLY B 28 22.19 5.45 9.19
N GLY B 29 22.78 4.30 8.86
CA GLY B 29 23.88 3.70 9.64
C GLY B 29 23.46 2.95 10.89
N THR B 30 22.15 2.78 11.06
CA THR B 30 21.56 2.23 12.27
C THR B 30 20.57 1.12 11.89
N PRO B 31 20.66 -0.05 12.55
CA PRO B 31 19.73 -1.13 12.19
C PRO B 31 18.28 -0.70 12.37
N LEU B 32 17.39 -1.23 11.53
CA LEU B 32 15.97 -0.93 11.64
C LEU B 32 15.48 -1.19 13.05
N LEU B 33 15.98 -2.26 13.68
CA LEU B 33 15.56 -2.62 15.03
C LEU B 33 15.83 -1.50 16.04
N GLU B 34 16.95 -0.79 15.89
CA GLU B 34 17.24 0.32 16.82
C GLU B 34 16.22 1.46 16.66
N HIS B 35 15.90 1.80 15.41
CA HIS B 35 14.85 2.77 15.12
C HIS B 35 13.53 2.34 15.74
N ALA B 36 13.18 1.06 15.60
CA ALA B 36 11.91 0.55 16.12
C ALA B 36 11.88 0.62 17.66
N LEU B 37 13.00 0.27 18.28
CA LEU B 37 13.09 0.31 19.74
C LEU B 37 12.95 1.73 20.28
N SER B 38 13.54 2.68 19.56
CA SER B 38 13.48 4.09 19.89
C SER B 38 12.06 4.58 19.84
N GLY B 39 11.31 4.17 18.81
CA GLY B 39 9.90 4.53 18.67
C GLY B 39 9.09 4.04 19.86
N LEU B 40 9.30 2.78 20.23
CA LEU B 40 8.59 2.15 21.33
C LEU B 40 8.87 2.87 22.67
N ARG B 41 10.14 3.15 22.91
CA ARG B 41 10.57 3.89 24.11
C ARG B 41 10.04 5.32 24.14
N ALA B 42 10.06 6.00 22.99
CA ALA B 42 9.59 7.38 22.92
C ALA B 42 8.09 7.51 23.07
N SER B 43 7.35 6.41 22.89
CA SER B 43 5.90 6.45 23.02
C SER B 43 5.49 6.76 24.46
N GLY B 44 6.34 6.38 25.41
CA GLY B 44 6.10 6.59 26.85
C GLY B 44 5.02 5.70 27.46
N VAL B 45 4.59 4.68 26.73
CA VAL B 45 3.52 3.78 27.20
C VAL B 45 3.95 2.32 27.27
N ILE B 46 5.22 2.04 26.97
CA ILE B 46 5.74 0.68 26.96
C ILE B 46 6.62 0.45 28.19
N ASP B 47 6.22 -0.49 29.04
CA ASP B 47 6.95 -0.82 30.28
C ASP B 47 8.17 -1.72 30.06
N ARG B 48 8.02 -2.71 29.18
CA ARG B 48 9.11 -3.65 28.87
C ARG B 48 8.99 -4.09 27.41
N ILE B 49 10.14 -4.35 26.78
CA ILE B 49 10.22 -4.87 25.43
C ILE B 49 10.93 -6.21 25.45
N VAL B 50 10.37 -7.20 24.77
CA VAL B 50 11.02 -8.49 24.60
C VAL B 50 11.33 -8.67 23.12
N ILE B 51 12.61 -8.83 22.80
CA ILE B 51 13.06 -8.98 21.43
C ILE B 51 13.53 -10.40 21.17
N ALA B 52 12.89 -11.08 20.22
CA ALA B 52 13.37 -12.40 19.78
C ALA B 52 14.34 -12.26 18.60
N VAL B 53 15.53 -12.85 18.72
CA VAL B 53 16.61 -12.66 17.76
C VAL B 53 17.14 -14.04 17.30
N PRO B 54 17.90 -14.08 16.18
CA PRO B 54 18.45 -15.40 15.82
C PRO B 54 19.32 -15.95 16.97
N PRO B 55 19.21 -17.26 17.26
CA PRO B 55 19.94 -17.83 18.41
C PRO B 55 21.44 -17.51 18.43
N ALA B 56 22.07 -17.51 17.26
CA ALA B 56 23.49 -17.19 17.11
C ALA B 56 23.85 -15.76 17.52
N LEU B 57 22.86 -14.86 17.44
CA LEU B 57 23.10 -13.44 17.71
C LEU B 57 22.56 -12.94 19.05
N THR B 58 22.22 -13.87 19.95
CA THR B 58 21.67 -13.52 21.27
C THR B 58 22.62 -12.67 22.12
N ASP B 59 23.90 -13.07 22.19
CA ASP B 59 24.92 -12.34 22.94
C ASP B 59 25.11 -10.93 22.38
N GLU B 60 25.27 -10.88 21.07
CA GLU B 60 25.47 -9.64 20.32
C GLU B 60 24.28 -8.67 20.53
N SER B 61 23.07 -9.21 20.43
CA SER B 61 21.85 -8.41 20.58
C SER B 61 21.65 -7.87 22.00
N LYS B 62 22.01 -8.66 23.01
CA LYS B 62 21.98 -8.21 24.40
C LYS B 62 22.84 -6.96 24.58
N LEU B 63 24.06 -7.01 24.06
CA LEU B 63 25.00 -5.89 24.14
C LEU B 63 24.49 -4.64 23.43
N VAL B 64 23.95 -4.83 22.22
CA VAL B 64 23.55 -3.71 21.38
C VAL B 64 22.17 -3.14 21.73
N PHE B 65 21.19 -4.02 21.96
CA PHE B 65 19.78 -3.61 22.10
C PHE B 65 19.22 -3.76 23.51
N GLY B 66 19.95 -4.45 24.39
CA GLY B 66 19.51 -4.67 25.76
C GLY B 66 19.46 -3.41 26.60
N GLY B 67 18.79 -3.48 27.74
CA GLY B 67 18.64 -2.33 28.64
C GLY B 67 17.66 -2.64 29.75
N GLU B 68 17.42 -1.65 30.62
CA GLU B 68 16.54 -1.85 31.79
C GLU B 68 15.11 -2.25 31.42
N ASP B 69 14.70 -1.89 30.20
CA ASP B 69 13.36 -2.16 29.69
C ASP B 69 13.31 -3.11 28.48
N SER B 70 14.44 -3.74 28.15
CA SER B 70 14.54 -4.56 26.95
C SER B 70 15.23 -5.90 27.19
N VAL B 71 14.45 -6.97 27.10
CA VAL B 71 14.95 -8.34 27.29
C VAL B 71 15.14 -9.05 25.94
N ILE B 72 16.26 -9.73 25.79
CA ILE B 72 16.58 -10.46 24.58
C ILE B 72 16.35 -11.95 24.79
N VAL B 73 15.70 -12.61 23.82
CA VAL B 73 15.52 -14.07 23.83
C VAL B 73 15.90 -14.67 22.48
N SER B 74 16.32 -15.94 22.47
CA SER B 74 16.50 -16.69 21.23
C SER B 74 15.13 -16.84 20.58
N GLY B 75 15.08 -16.67 19.26
CA GLY B 75 13.83 -16.81 18.51
C GLY B 75 13.60 -18.24 18.05
N GLY B 76 12.55 -18.44 17.28
CA GLY B 76 12.18 -19.77 16.80
C GLY B 76 12.47 -19.98 15.32
N VAL B 77 12.00 -21.11 14.79
CA VAL B 77 12.22 -21.47 13.39
C VAL B 77 11.34 -20.66 12.43
N ASP B 78 10.20 -20.20 12.93
CA ASP B 78 9.33 -19.28 12.19
C ASP B 78 8.96 -18.10 13.09
N ARG B 79 8.21 -17.15 12.52
CA ARG B 79 7.74 -15.98 13.26
C ARG B 79 6.83 -16.40 14.42
N THR B 80 5.93 -17.37 14.17
CA THR B 80 5.00 -17.83 15.19
C THR B 80 5.73 -18.38 16.41
N GLU B 81 6.81 -19.13 16.19
CA GLU B 81 7.60 -19.65 17.29
C GLU B 81 8.34 -18.53 18.02
N SER B 82 8.93 -17.61 17.24
CA SER B 82 9.62 -16.44 17.80
C SER B 82 8.73 -15.64 18.76
N VAL B 83 7.50 -15.32 18.32
CA VAL B 83 6.55 -14.60 19.19
C VAL B 83 6.19 -15.41 20.44
N ALA B 84 5.94 -16.71 20.24
CA ALA B 84 5.67 -17.64 21.35
C ALA B 84 6.81 -17.62 22.38
N LEU B 85 8.05 -17.71 21.89
CA LEU B 85 9.23 -17.67 22.76
C LEU B 85 9.39 -16.33 23.47
N ALA B 86 9.05 -15.24 22.79
CA ALA B 86 9.05 -13.91 23.40
C ALA B 86 7.98 -13.80 24.47
N LEU B 87 6.83 -14.46 24.27
CA LEU B 87 5.73 -14.42 25.24
C LEU B 87 6.07 -15.06 26.58
N GLU B 88 6.89 -16.12 26.54
CA GLU B 88 7.43 -16.77 27.75
C GLU B 88 8.01 -15.72 28.69
N ALA B 89 8.86 -14.85 28.12
CA ALA B 89 9.61 -13.85 28.88
C ALA B 89 8.81 -12.59 29.18
N ALA B 90 7.55 -12.56 28.74
CA ALA B 90 6.70 -11.38 28.89
C ALA B 90 6.15 -11.20 30.30
N GLY B 91 6.10 -12.28 31.07
CA GLY B 91 5.63 -12.23 32.45
C GLY B 91 4.13 -12.05 32.56
N ASP B 92 3.70 -11.27 33.54
CA ASP B 92 2.29 -11.06 33.83
C ASP B 92 1.78 -9.68 33.39
N ALA B 93 2.09 -9.33 32.14
CA ALA B 93 1.61 -8.08 31.56
C ALA B 93 0.10 -8.10 31.37
N GLU B 94 -0.53 -6.95 31.53
CA GLU B 94 -1.95 -6.78 31.23
C GLU B 94 -2.17 -6.69 29.72
N PHE B 95 -1.28 -5.97 29.05
CA PHE B 95 -1.37 -5.71 27.62
C PHE B 95 -0.09 -6.15 26.91
N VAL B 96 -0.24 -6.79 25.75
CA VAL B 96 0.91 -7.16 24.93
C VAL B 96 0.76 -6.57 23.53
N LEU B 97 1.80 -5.89 23.06
CA LEU B 97 1.82 -5.32 21.70
C LEU B 97 2.86 -6.09 20.91
N VAL B 98 2.50 -6.52 19.70
CA VAL B 98 3.47 -7.21 18.85
C VAL B 98 3.80 -6.25 17.71
N HIS B 99 5.08 -5.95 17.58
CA HIS B 99 5.54 -4.90 16.68
C HIS B 99 6.57 -5.46 15.70
N ASP B 100 6.34 -5.16 14.41
CA ASP B 100 7.25 -5.52 13.34
C ASP B 100 8.37 -4.48 13.32
N ALA B 101 9.60 -4.93 13.58
CA ALA B 101 10.71 -3.99 13.65
C ALA B 101 11.10 -3.37 12.30
N ALA B 102 10.62 -3.95 11.19
CA ALA B 102 10.85 -3.35 9.87
C ALA B 102 10.04 -2.09 9.68
N ARG B 103 9.01 -1.88 10.50
CA ARG B 103 8.24 -0.64 10.49
C ARG B 103 8.98 0.37 11.37
N ALA B 104 10.21 0.65 10.95
CA ALA B 104 11.21 1.42 11.72
C ALA B 104 10.82 2.85 12.06
N LEU B 105 10.06 3.47 11.17
CA LEU B 105 9.69 4.87 11.31
C LEU B 105 8.29 5.08 11.89
N THR B 106 7.68 4.01 12.40
CA THR B 106 6.40 4.13 13.16
C THR B 106 6.45 5.27 14.18
N PRO B 107 5.53 6.25 14.09
CA PRO B 107 5.59 7.36 15.06
C PRO B 107 5.23 6.90 16.47
N PRO B 108 5.94 7.42 17.49
CA PRO B 108 5.60 7.12 18.88
C PRO B 108 4.11 7.29 19.25
N ALA B 109 3.46 8.28 18.64
CA ALA B 109 2.05 8.59 18.90
C ALA B 109 1.12 7.47 18.47
N LEU B 110 1.47 6.80 17.38
CA LEU B 110 0.69 5.68 16.89
C LEU B 110 0.71 4.56 17.94
N ILE B 111 1.89 4.29 18.48
CA ILE B 111 2.04 3.28 19.50
C ILE B 111 1.16 3.62 20.73
N ALA B 112 1.23 4.87 21.20
CA ALA B 112 0.38 5.32 22.31
C ALA B 112 -1.11 5.15 22.01
N ARG B 113 -1.51 5.45 20.77
CA ARG B 113 -2.91 5.27 20.34
C ARG B 113 -3.39 3.83 20.52
N VAL B 114 -2.53 2.86 20.17
CA VAL B 114 -2.87 1.44 20.32
C VAL B 114 -3.12 1.10 21.80
N VAL B 115 -2.17 1.49 22.65
CA VAL B 115 -2.32 1.29 24.11
C VAL B 115 -3.55 1.99 24.69
N ALA B 116 -3.79 3.24 24.28
CA ALA B 116 -4.94 4.01 24.75
C ALA B 116 -6.27 3.32 24.48
N ALA B 117 -6.43 2.80 23.25
CA ALA B 117 -7.62 2.03 22.87
C ALA B 117 -7.81 0.75 23.69
N LEU B 118 -6.71 0.07 24.00
CA LEU B 118 -6.75 -1.13 24.85
C LEU B 118 -7.24 -0.77 26.26
N LYS B 119 -6.86 0.41 26.75
CA LYS B 119 -7.30 0.86 28.07
C LYS B 119 -8.75 1.31 28.08
N GLU B 120 -9.29 1.66 26.92
CA GLU B 120 -10.70 1.96 26.78
C GLU B 120 -11.57 0.71 26.92
N GLY B 121 -10.93 -0.46 26.80
CA GLY B 121 -11.61 -1.73 26.99
C GLY B 121 -11.63 -2.67 25.80
N HIS B 122 -11.01 -2.28 24.70
CA HIS B 122 -10.88 -3.17 23.53
C HIS B 122 -9.89 -4.29 23.81
N SER B 123 -10.25 -5.51 23.43
CA SER B 123 -9.39 -6.68 23.67
C SER B 123 -8.26 -6.80 22.66
N ALA B 124 -8.47 -6.22 21.48
CA ALA B 124 -7.55 -6.35 20.36
C ALA B 124 -7.63 -5.08 19.53
N VAL B 125 -6.45 -4.49 19.25
CA VAL B 125 -6.39 -3.18 18.64
C VAL B 125 -5.31 -3.19 17.57
N VAL B 126 -5.66 -2.69 16.39
CA VAL B 126 -4.75 -2.69 15.26
C VAL B 126 -4.75 -1.32 14.57
N PRO B 127 -3.56 -0.76 14.31
CA PRO B 127 -3.56 0.51 13.57
C PRO B 127 -3.77 0.23 12.08
N GLY B 128 -4.51 1.09 11.42
CA GLY B 128 -4.72 0.91 9.99
C GLY B 128 -5.11 2.18 9.28
N LEU B 129 -4.97 2.15 7.96
CA LEU B 129 -5.35 3.26 7.10
C LEU B 129 -6.07 2.68 5.89
N ALA B 130 -6.94 3.46 5.26
CA ALA B 130 -7.59 3.03 4.02
C ALA B 130 -6.48 2.81 3.00
N PRO B 131 -6.57 1.74 2.20
CA PRO B 131 -5.52 1.47 1.22
C PRO B 131 -5.49 2.58 0.18
N ALA B 132 -4.29 2.97 -0.25
CA ALA B 132 -4.17 3.98 -1.30
C ALA B 132 -4.67 3.48 -2.66
N ASP B 133 -4.47 2.20 -2.94
CA ASP B 133 -4.93 1.57 -4.18
C ASP B 133 -6.25 0.85 -3.93
N THR B 134 -7.04 0.70 -4.99
CA THR B 134 -8.19 -0.19 -4.92
C THR B 134 -7.67 -1.62 -4.73
N ILE B 135 -8.35 -2.37 -3.88
CA ILE B 135 -7.97 -3.74 -3.60
C ILE B 135 -9.02 -4.65 -4.25
N LYS B 136 -8.54 -5.69 -4.94
CA LYS B 136 -9.43 -6.65 -5.55
C LYS B 136 -9.12 -8.04 -5.01
N ALA B 137 -10.17 -8.86 -4.88
CA ALA B 137 -10.01 -10.28 -4.57
C ALA B 137 -9.81 -11.00 -5.89
N VAL B 138 -8.82 -11.88 -5.94
CA VAL B 138 -8.52 -12.59 -7.17
C VAL B 138 -8.57 -14.10 -6.94
N ASP B 139 -8.96 -14.85 -7.96
CA ASP B 139 -8.94 -16.31 -7.83
C ASP B 139 -7.55 -16.85 -8.17
N ALA B 140 -7.40 -18.17 -8.10
CA ALA B 140 -6.10 -18.81 -8.37
C ALA B 140 -5.54 -18.45 -9.75
N ASN B 141 -6.45 -18.18 -10.70
CA ASN B 141 -6.08 -17.85 -12.08
C ASN B 141 -5.51 -16.44 -12.22
N GLY B 142 -5.79 -15.59 -11.24
CA GLY B 142 -5.49 -14.17 -11.35
C GLY B 142 -6.64 -13.42 -12.01
N ALA B 143 -7.80 -14.06 -12.11
CA ALA B 143 -9.00 -13.36 -12.52
C ALA B 143 -9.66 -12.70 -11.32
N VAL B 144 -10.26 -11.54 -11.55
CA VAL B 144 -10.91 -10.80 -10.47
C VAL B 144 -12.16 -11.54 -10.00
N LEU B 145 -12.24 -11.79 -8.70
CA LEU B 145 -13.46 -12.32 -8.09
C LEU B 145 -14.41 -11.19 -7.71
N GLY B 146 -13.86 -10.09 -7.19
CA GLY B 146 -14.69 -8.96 -6.82
C GLY B 146 -13.88 -7.80 -6.26
N THR B 147 -14.51 -6.63 -6.19
CA THR B 147 -13.86 -5.44 -5.65
C THR B 147 -14.64 -4.92 -4.45
N PRO B 148 -14.12 -5.16 -3.25
CA PRO B 148 -14.78 -4.61 -2.07
C PRO B 148 -14.71 -3.09 -2.06
N GLU B 149 -15.62 -2.46 -1.33
CA GLU B 149 -15.60 -1.03 -1.11
C GLU B 149 -14.28 -0.62 -0.44
N ARG B 150 -13.47 0.19 -1.14
CA ARG B 150 -12.12 0.54 -0.67
C ARG B 150 -12.18 1.18 0.71
N ALA B 151 -13.24 1.96 0.97
CA ALA B 151 -13.45 2.63 2.25
C ALA B 151 -13.82 1.67 3.38
N GLY B 152 -14.23 0.45 3.02
CA GLY B 152 -14.53 -0.59 4.00
C GLY B 152 -13.32 -1.49 4.26
N LEU B 153 -12.16 -1.06 3.78
CA LEU B 153 -10.92 -1.81 3.95
C LEU B 153 -9.88 -1.01 4.70
N ARG B 154 -9.00 -1.70 5.42
CA ARG B 154 -7.85 -1.07 6.05
C ARG B 154 -6.58 -1.85 5.74
N ALA B 155 -5.55 -1.14 5.29
CA ALA B 155 -4.18 -1.68 5.27
C ALA B 155 -3.64 -1.52 6.68
N VAL B 156 -3.35 -2.64 7.33
CA VAL B 156 -3.05 -2.60 8.74
C VAL B 156 -1.55 -2.58 9.00
N GLN B 157 -1.17 -2.04 10.14
CA GLN B 157 0.23 -1.88 10.48
C GLN B 157 0.47 -2.50 11.84
N THR B 158 1.61 -2.16 12.44
CA THR B 158 1.90 -2.58 13.82
C THR B 158 2.36 -1.35 14.62
N PRO B 159 2.38 -1.43 15.97
CA PRO B 159 2.12 -2.60 16.81
C PRO B 159 0.65 -2.96 16.87
N GLN B 160 0.39 -4.26 16.97
CA GLN B 160 -0.96 -4.74 17.20
C GLN B 160 -1.03 -5.08 18.68
N GLY B 161 -2.08 -4.59 19.35
CA GLY B 161 -2.18 -4.62 20.81
C GLY B 161 -3.25 -5.57 21.26
N PHE B 162 -2.97 -6.30 22.35
CA PHE B 162 -3.92 -7.30 22.85
C PHE B 162 -3.92 -7.37 24.38
N HIS B 163 -5.06 -7.78 24.93
CA HIS B 163 -5.07 -8.29 26.28
C HIS B 163 -4.27 -9.59 26.24
N ALA B 164 -3.34 -9.72 27.19
CA ALA B 164 -2.31 -10.76 27.14
C ALA B 164 -2.84 -12.19 27.05
N ASP B 165 -3.87 -12.49 27.83
CA ASP B 165 -4.43 -13.84 27.85
C ASP B 165 -5.13 -14.16 26.52
N VAL B 166 -5.79 -13.16 25.93
CA VAL B 166 -6.42 -13.32 24.60
C VAL B 166 -5.34 -13.73 23.60
N LEU B 167 -4.23 -13.00 23.58
CA LEU B 167 -3.11 -13.33 22.70
C LEU B 167 -2.48 -14.68 23.02
N ARG B 168 -2.20 -14.95 24.29
CA ARG B 168 -1.57 -16.22 24.67
C ARG B 168 -2.42 -17.46 24.34
N ARG B 169 -3.73 -17.36 24.55
CA ARG B 169 -4.64 -18.46 24.16
C ARG B 169 -4.58 -18.71 22.66
N ALA B 170 -4.54 -17.63 21.88
CA ALA B 170 -4.43 -17.75 20.43
C ALA B 170 -3.11 -18.41 20.04
N TYR B 171 -2.02 -18.01 20.70
CA TYR B 171 -0.71 -18.55 20.37
C TYR B 171 -0.54 -20.01 20.83
N ALA B 172 -1.29 -20.39 21.86
CA ALA B 172 -1.30 -21.78 22.35
C ALA B 172 -1.75 -22.80 21.31
N ARG B 173 -2.56 -22.39 20.33
CA ARG B 173 -2.97 -23.31 19.25
C ARG B 173 -2.32 -23.02 17.91
N ALA B 174 -2.20 -24.08 17.10
CA ALA B 174 -1.77 -24.02 15.70
C ALA B 174 -0.50 -23.23 15.42
N THR B 175 0.56 -23.94 15.05
CA THR B 175 1.82 -23.29 14.67
C THR B 175 1.65 -22.54 13.33
N ALA B 176 1.58 -23.28 12.23
CA ALA B 176 1.42 -22.70 10.88
C ALA B 176 2.20 -21.40 10.70
N GLY B 177 3.53 -21.50 10.71
CA GLY B 177 4.45 -20.37 10.82
C GLY B 177 4.31 -19.19 9.87
N GLY B 178 3.57 -19.38 8.78
CA GLY B 178 3.39 -18.35 7.74
C GLY B 178 2.61 -17.11 8.16
N VAL B 179 2.01 -17.16 9.36
CA VAL B 179 1.25 -16.04 9.92
C VAL B 179 2.18 -14.85 10.19
N THR B 180 1.81 -13.69 9.66
CA THR B 180 2.53 -12.44 9.96
C THR B 180 1.61 -11.50 10.71
N ASP B 181 0.30 -11.73 10.58
CA ASP B 181 -0.69 -10.85 11.19
C ASP B 181 -1.24 -11.48 12.48
N ASP B 182 -0.86 -10.90 13.61
CA ASP B 182 -1.26 -11.43 14.92
C ASP B 182 -2.76 -11.34 15.19
N ALA B 183 -3.39 -10.23 14.79
CA ALA B 183 -4.83 -10.11 14.95
C ALA B 183 -5.58 -11.27 14.28
N SER B 184 -5.13 -11.69 13.09
CA SER B 184 -5.74 -12.82 12.35
C SER B 184 -5.89 -14.06 13.22
N LEU B 185 -4.87 -14.34 14.03
CA LEU B 185 -4.90 -15.48 14.95
C LEU B 185 -6.03 -15.34 15.98
N VAL B 186 -6.14 -14.16 16.54
CA VAL B 186 -7.17 -13.84 17.51
C VAL B 186 -8.58 -13.88 16.87
N GLU B 187 -8.67 -13.46 15.61
CA GLU B 187 -9.95 -13.41 14.88
C GLU B 187 -10.55 -14.78 14.57
N GLN B 188 -9.74 -15.83 14.68
CA GLN B 188 -10.20 -17.19 14.35
C GLN B 188 -11.41 -17.59 15.21
N LEU B 189 -11.52 -17.02 16.41
CA LEU B 189 -12.64 -17.27 17.31
C LEU B 189 -13.72 -16.18 17.27
N GLY B 190 -13.56 -15.20 16.38
CA GLY B 190 -14.53 -14.12 16.24
C GLY B 190 -14.33 -13.01 17.25
N THR B 191 -13.24 -13.09 18.01
CA THR B 191 -12.87 -12.04 18.95
C THR B 191 -12.86 -10.68 18.25
N PRO B 192 -13.59 -9.67 18.80
CA PRO B 192 -13.61 -8.36 18.15
C PRO B 192 -12.21 -7.75 18.09
N VAL B 193 -11.90 -7.11 16.96
CA VAL B 193 -10.67 -6.35 16.80
C VAL B 193 -11.08 -4.93 16.36
N GLN B 194 -10.48 -3.92 16.99
CA GLN B 194 -10.81 -2.53 16.72
C GLN B 194 -9.67 -1.85 15.96
N ILE B 195 -9.99 -1.17 14.87
CA ILE B 195 -8.99 -0.38 14.15
C ILE B 195 -8.86 0.99 14.79
N VAL B 196 -7.61 1.43 14.94
CA VAL B 196 -7.31 2.83 15.27
C VAL B 196 -6.50 3.42 14.12
N ASP B 197 -6.40 4.75 14.05
CA ASP B 197 -5.63 5.41 12.98
C ASP B 197 -4.18 4.96 12.98
N GLY B 198 -3.74 4.54 11.79
CA GLY B 198 -2.34 4.24 11.55
C GLY B 198 -1.63 5.52 11.13
N ASP B 199 -0.56 5.35 10.37
CA ASP B 199 0.23 6.48 9.92
C ASP B 199 1.05 6.02 8.74
N PRO B 200 1.06 6.82 7.66
CA PRO B 200 1.85 6.47 6.48
C PRO B 200 3.31 6.16 6.79
N LEU B 201 3.84 6.77 7.85
CA LEU B 201 5.24 6.56 8.21
C LEU B 201 5.54 5.18 8.81
N ALA B 202 4.50 4.44 9.19
CA ALA B 202 4.69 3.11 9.79
C ALA B 202 4.74 2.01 8.73
N PHE B 203 5.16 2.38 7.52
CA PHE B 203 5.29 1.39 6.47
C PHE B 203 6.41 0.40 6.76
N LYS B 204 6.22 -0.84 6.28
CA LYS B 204 7.21 -1.88 6.44
C LYS B 204 8.38 -1.68 5.47
N ILE B 205 9.60 -1.69 5.99
CA ILE B 205 10.76 -1.40 5.16
C ILE B 205 11.44 -2.71 4.81
N THR B 206 11.24 -3.15 3.57
CA THR B 206 11.77 -4.46 3.14
C THR B 206 12.39 -4.44 1.74
N THR B 207 11.81 -3.64 0.84
CA THR B 207 12.29 -3.58 -0.55
C THR B 207 13.30 -2.44 -0.73
N PRO B 208 14.06 -2.46 -1.85
CA PRO B 208 14.91 -1.30 -2.14
C PRO B 208 14.15 0.03 -2.24
N LEU B 209 12.91 0.03 -2.74
CA LEU B 209 12.11 1.27 -2.84
C LEU B 209 11.67 1.77 -1.46
N ASP B 210 11.37 0.82 -0.58
CA ASP B 210 11.08 1.10 0.83
C ASP B 210 12.24 1.81 1.48
N LEU B 211 13.45 1.30 1.23
CA LEU B 211 14.66 1.82 1.86
C LEU B 211 14.97 3.19 1.30
N VAL B 212 14.71 3.39 0.00
CA VAL B 212 14.84 4.71 -0.59
C VAL B 212 13.91 5.72 0.08
N LEU B 213 12.65 5.34 0.29
CA LEU B 213 11.72 6.22 1.00
C LEU B 213 12.18 6.50 2.43
N ALA B 214 12.59 5.44 3.13
CA ALA B 214 12.99 5.59 4.53
C ALA B 214 14.20 6.54 4.67
N GLU B 215 15.21 6.36 3.85
CA GLU B 215 16.36 7.26 3.85
C GLU B 215 15.95 8.71 3.56
N ALA B 216 15.02 8.89 2.62
CA ALA B 216 14.55 10.22 2.28
C ALA B 216 13.82 10.88 3.46
N VAL B 217 13.02 10.11 4.19
CA VAL B 217 12.33 10.59 5.39
C VAL B 217 13.34 11.01 6.47
N LEU B 218 14.37 10.20 6.67
CA LEU B 218 15.46 10.55 7.59
C LEU B 218 16.13 11.87 7.24
N ALA B 219 16.33 12.11 5.95
CA ALA B 219 16.91 13.37 5.49
C ALA B 219 16.06 14.58 5.92
N HIS B 220 14.75 14.48 5.75
CA HIS B 220 13.84 15.58 6.12
C HIS B 220 13.76 15.79 7.63
N HIS B 221 13.81 14.69 8.38
CA HIS B 221 13.72 14.72 9.84
C HIS B 221 15.03 15.10 10.54
N HIS B 222 16.16 14.84 9.88
CA HIS B 222 17.46 14.91 10.59
C HIS B 222 18.57 15.74 9.93
N HIS B 223 18.38 16.13 8.67
CA HIS B 223 19.41 16.91 7.98
C HIS B 223 18.90 18.24 7.41
#